data_6W2N
#
_entry.id   6W2N
#
_cell.length_a   73.835
_cell.length_b   73.835
_cell.length_c   234.506
_cell.angle_alpha   90.000
_cell.angle_beta   90.000
_cell.angle_gamma   90.000
#
_symmetry.space_group_name_H-M   'P 43 21 2'
#
loop_
_entity.id
_entity.type
_entity.pdbx_description
1 polymer 'Malic enzyme'
2 non-polymer 3,5-bis(fluoranyl)-~{N}-[3-[(2-fluoranyl-4-methoxy-phenyl)sulfamoyl]phenyl]benzamide
3 non-polymer 'CITRIC ACID'
4 non-polymer '4-(2-HYDROXYETHYL)-1-PIPERAZINE ETHANESULFONIC ACID'
5 water water
#
_entity_poly.entity_id   1
_entity_poly.type   'polypeptide(L)'
_entity_poly.pdbx_seq_one_letter_code
;QGRAILTDRYINRGTAFTMEERQKLHILGRLPPVVETLEEQVARVYGQVKKYEKPINRYQHLVSVHSTNTTLYYATILAH
LEEMLPIIYTPTVGEACMEYSHLFFRERGVYFNRLYKGQFRNIMRDAGYQKVEVVVITDGSRILGLGDLGSNGIGISIGK
CSLYVAGAGIDPRLIVPVILDVGTNNERYLQDKDYLGMREKRLGDEEFYELLDEFMEAASAEWPNAVIQFEDFSNNHCFD
IMERYQKKYRCFNDDIQGTGAVIAAGFLNAIKLSGVSPLQQRIVVFGAGSAAVGVANNIAALAARMYKFPVQDLVKTFYL
VDTKGLVTTTRGDQLAAHKKLLARTDVSAEDSAKLRTLEEIVRFVKPTTLLGLGGVGPAFTEEIVKMVMQNTERPIIFPL
SNPTSKAEVTPENAYKWTNGAAIVASGSPFPPTTIGGKTFKPSQGNNLYVFPGVGLGCALAQPTHIPEELLLTASESLNL
LTTEGDLREGRLYPPLEDIHNISANVATDVILEAQRMKIDNNKKLPRTRDELLAFVKKAMWKPVYSGEVGEQVL
;
_entity_poly.pdbx_strand_id   A
#
# COMPACT_ATOMS: atom_id res chain seq x y z
N ALA A 4 23.06 12.30 27.33
CA ALA A 4 21.71 11.69 27.56
C ALA A 4 20.69 12.16 26.50
N ILE A 5 20.70 13.43 26.12
CA ILE A 5 19.95 13.98 24.94
C ILE A 5 20.44 13.30 23.64
N LEU A 6 21.75 12.98 23.55
CA LEU A 6 22.34 12.25 22.42
C LEU A 6 21.72 10.85 22.35
N THR A 7 21.40 10.23 23.49
CA THR A 7 20.93 8.80 23.57
C THR A 7 19.41 8.73 23.45
N ASP A 8 18.76 9.85 23.26
CA ASP A 8 17.30 9.89 22.96
C ASP A 8 17.14 10.14 21.45
N ARG A 9 16.73 9.12 20.71
CA ARG A 9 16.72 9.15 19.21
C ARG A 9 15.73 10.19 18.69
N TYR A 10 14.73 10.60 19.49
CA TYR A 10 13.67 11.55 19.07
C TYR A 10 14.21 12.97 19.11
N ILE A 11 15.09 13.31 20.04
CA ILE A 11 15.58 14.72 20.18
C ILE A 11 17.06 14.79 19.74
N ASN A 12 17.78 13.68 19.55
CA ASN A 12 19.19 13.71 19.11
C ASN A 12 19.28 14.33 17.72
N ARG A 13 20.23 15.25 17.57
CA ARG A 13 20.52 15.98 16.31
C ARG A 13 21.91 15.60 15.81
N GLY A 14 22.67 14.81 16.58
CA GLY A 14 24.05 14.47 16.22
C GLY A 14 24.85 15.72 15.86
N THR A 15 25.53 15.70 14.72
CA THR A 15 26.48 16.76 14.31
C THR A 15 25.74 18.07 13.96
N ALA A 16 24.40 18.10 13.96
CA ALA A 16 23.59 19.31 13.70
C ALA A 16 23.55 20.20 14.95
N PHE A 17 23.90 19.71 16.12
CA PHE A 17 24.05 20.57 17.32
C PHE A 17 25.17 21.55 17.02
N THR A 18 24.89 22.85 17.11
CA THR A 18 25.92 23.91 16.87
C THR A 18 26.94 23.85 17.98
N MET A 19 28.11 24.51 17.79
CA MET A 19 29.15 24.59 18.84
C MET A 19 28.50 25.17 20.10
N GLU A 20 27.74 26.25 19.98
CA GLU A 20 27.16 26.98 21.15
C GLU A 20 26.16 26.04 21.81
N GLU A 21 25.41 25.24 21.04
CA GLU A 21 24.43 24.29 21.61
C GLU A 21 25.16 23.18 22.36
N ARG A 22 26.24 22.67 21.76
CA ARG A 22 27.06 21.61 22.40
C ARG A 22 27.57 22.08 23.77
N GLN A 23 28.09 23.31 23.86
CA GLN A 23 28.65 23.88 25.12
C GLN A 23 27.51 23.97 26.12
N LYS A 24 26.37 24.53 25.73
CA LYS A 24 25.18 24.69 26.61
C LYS A 24 24.65 23.32 27.06
N LEU A 25 24.63 22.31 26.20
CA LEU A 25 24.07 20.98 26.58
C LEU A 25 25.14 20.08 27.25
N HIS A 26 26.36 20.58 27.40
CA HIS A 26 27.50 19.85 28.04
C HIS A 26 27.82 18.63 27.19
N ILE A 27 27.88 18.75 25.86
CA ILE A 27 28.16 17.56 24.98
C ILE A 27 29.32 17.92 24.08
N LEU A 28 30.02 18.99 24.40
CA LEU A 28 31.24 19.33 23.69
C LEU A 28 32.18 18.14 23.90
N GLY A 29 32.72 17.60 22.84
CA GLY A 29 33.62 16.46 23.08
C GLY A 29 32.89 15.14 23.12
N ARG A 30 31.59 15.10 22.85
CA ARG A 30 30.85 13.81 22.70
C ARG A 30 30.65 13.51 21.20
N LEU A 31 31.00 14.49 20.36
CA LEU A 31 30.78 14.47 18.89
C LEU A 31 32.08 14.90 18.24
N PRO A 32 32.35 14.45 16.99
CA PRO A 32 33.44 15.02 16.20
C PRO A 32 33.12 16.48 15.89
N PRO A 33 34.12 17.33 15.61
CA PRO A 33 33.91 18.79 15.60
C PRO A 33 33.07 19.41 14.45
N VAL A 34 32.88 18.73 13.32
CA VAL A 34 32.15 19.28 12.15
C VAL A 34 30.69 19.51 12.57
N VAL A 35 30.19 20.69 12.24
CA VAL A 35 28.76 21.02 12.41
C VAL A 35 28.09 20.95 11.04
N GLU A 36 27.01 20.18 10.97
CA GLU A 36 26.25 19.98 9.72
C GLU A 36 24.82 20.45 9.87
N THR A 37 24.21 20.86 8.77
CA THR A 37 22.76 21.10 8.69
C THR A 37 22.10 19.73 8.49
N LEU A 38 20.78 19.66 8.63
CA LEU A 38 20.06 18.40 8.37
C LEU A 38 20.31 17.99 6.93
N GLU A 39 20.30 18.92 5.97
CA GLU A 39 20.46 18.55 4.54
C GLU A 39 21.82 17.91 4.33
N GLU A 40 22.83 18.46 4.98
CA GLU A 40 24.20 17.91 4.90
C GLU A 40 24.25 16.50 5.52
N GLN A 41 23.57 16.29 6.65
CA GLN A 41 23.53 14.97 7.33
C GLN A 41 22.83 13.99 6.39
N VAL A 42 21.79 14.45 5.70
CA VAL A 42 21.05 13.57 4.76
C VAL A 42 21.96 13.12 3.62
N ALA A 43 22.71 14.03 3.02
CA ALA A 43 23.63 13.72 1.90
C ALA A 43 24.67 12.73 2.38
N ARG A 44 25.12 12.89 3.62
CA ARG A 44 26.16 12.01 4.22
C ARG A 44 25.58 10.59 4.42
N VAL A 45 24.45 10.49 5.09
CA VAL A 45 23.72 9.18 5.25
C VAL A 45 23.47 8.54 3.87
N TYR A 46 22.97 9.27 2.88
CA TYR A 46 22.63 8.70 1.56
C TYR A 46 23.90 8.05 0.97
N GLY A 47 25.07 8.71 1.08
CA GLY A 47 26.35 8.10 0.67
C GLY A 47 26.74 6.87 1.48
N GLN A 48 26.58 6.91 2.81
CA GLN A 48 26.81 5.74 3.70
C GLN A 48 25.92 4.57 3.19
N VAL A 49 24.68 4.83 2.74
CA VAL A 49 23.70 3.78 2.30
C VAL A 49 24.16 3.16 0.96
N LYS A 50 24.56 3.99 0.01
CA LYS A 50 24.98 3.59 -1.36
C LYS A 50 26.40 3.01 -1.37
N LYS A 51 27.15 3.16 -0.28
CA LYS A 51 28.40 2.39 -0.01
C LYS A 51 28.05 0.89 -0.08
N TYR A 52 26.95 0.46 0.53
CA TYR A 52 26.51 -0.95 0.60
C TYR A 52 25.93 -1.34 -0.76
N GLU A 53 26.20 -2.55 -1.24
CA GLU A 53 25.70 -3.03 -2.55
C GLU A 53 24.37 -3.77 -2.40
N LYS A 54 24.19 -4.49 -1.29
CA LYS A 54 23.03 -5.39 -1.07
C LYS A 54 21.91 -4.64 -0.38
N PRO A 55 20.66 -4.73 -0.91
CA PRO A 55 19.49 -4.12 -0.28
C PRO A 55 19.46 -4.35 1.22
N ILE A 56 19.69 -5.59 1.62
CA ILE A 56 19.60 -5.96 3.07
C ILE A 56 20.64 -5.21 3.93
N ASN A 57 21.87 -4.99 3.45
CA ASN A 57 22.86 -4.18 4.19
C ASN A 57 22.48 -2.69 4.20
N ARG A 58 21.88 -2.18 3.13
CA ARG A 58 21.37 -0.78 3.10
C ARG A 58 20.32 -0.64 4.20
N TYR A 59 19.44 -1.62 4.31
CA TYR A 59 18.34 -1.64 5.31
C TYR A 59 18.96 -1.60 6.71
N GLN A 60 19.93 -2.49 6.94
CA GLN A 60 20.65 -2.64 8.22
C GLN A 60 21.28 -1.27 8.62
N HIS A 61 21.92 -0.61 7.67
CA HIS A 61 22.46 0.77 7.85
C HIS A 61 21.34 1.75 8.24
N LEU A 62 20.24 1.79 7.49
CA LEU A 62 19.12 2.70 7.82
C LEU A 62 18.52 2.38 9.18
N VAL A 63 18.46 1.11 9.58
CA VAL A 63 17.96 0.71 10.93
C VAL A 63 18.82 1.35 12.00
N SER A 64 20.14 1.32 11.82
CA SER A 64 21.09 1.94 12.76
C SER A 64 20.87 3.47 12.87
N VAL A 65 20.68 4.14 11.74
CA VAL A 65 20.38 5.61 11.75
C VAL A 65 19.09 5.83 12.55
N HIS A 66 18.03 5.08 12.23
CA HIS A 66 16.73 5.18 12.90
C HIS A 66 16.91 5.04 14.42
N SER A 67 17.77 4.13 14.90
CA SER A 67 17.82 3.90 16.35
C SER A 67 18.63 4.99 17.04
N THR A 68 19.39 5.82 16.33
CA THR A 68 20.22 6.90 16.91
C THR A 68 19.59 8.29 16.68
N ASN A 69 19.06 8.53 15.48
CA ASN A 69 18.55 9.88 15.10
C ASN A 69 17.30 9.69 14.23
N THR A 70 16.11 9.73 14.84
CA THR A 70 14.83 9.44 14.14
C THR A 70 14.55 10.54 13.09
N THR A 71 14.82 11.79 13.42
CA THR A 71 14.59 12.92 12.48
C THR A 71 15.45 12.72 11.22
N LEU A 72 16.71 12.33 11.40
CA LEU A 72 17.65 12.16 10.29
C LEU A 72 17.19 10.98 9.44
N TYR A 73 16.75 9.90 10.07
CA TYR A 73 16.23 8.75 9.30
C TYR A 73 15.11 9.25 8.36
N TYR A 74 14.05 9.85 8.93
CA TYR A 74 12.84 10.21 8.13
C TYR A 74 13.21 11.30 7.13
N ALA A 75 14.18 12.15 7.44
CA ALA A 75 14.63 13.20 6.49
C ALA A 75 15.34 12.54 5.29
N THR A 76 16.08 11.47 5.52
CA THR A 76 16.82 10.75 4.45
C THR A 76 15.80 10.06 3.54
N ILE A 77 14.79 9.42 4.12
CA ILE A 77 13.74 8.69 3.34
C ILE A 77 13.04 9.73 2.43
N LEU A 78 12.64 10.87 3.00
CA LEU A 78 11.81 11.87 2.25
C LEU A 78 12.64 12.52 1.15
N ALA A 79 13.97 12.66 1.31
CA ALA A 79 14.85 13.22 0.25
C ALA A 79 15.08 12.22 -0.88
N HIS A 80 14.97 10.91 -0.63
CA HIS A 80 15.29 9.83 -1.61
C HIS A 80 14.17 8.81 -1.62
N LEU A 81 12.92 9.25 -1.52
CA LEU A 81 11.79 8.32 -1.25
C LEU A 81 11.72 7.19 -2.27
N GLU A 82 11.72 7.47 -3.58
CA GLU A 82 11.50 6.45 -4.63
C GLU A 82 12.58 5.35 -4.52
N GLU A 83 13.80 5.74 -4.22
CA GLU A 83 14.96 4.83 -4.20
C GLU A 83 14.98 4.05 -2.86
N MET A 84 14.61 4.67 -1.73
CA MET A 84 14.57 4.02 -0.40
C MET A 84 13.36 3.06 -0.28
N LEU A 85 12.32 3.21 -1.08
CA LEU A 85 11.05 2.50 -0.78
C LEU A 85 11.24 1.00 -0.88
N PRO A 86 11.94 0.47 -1.92
CA PRO A 86 12.18 -0.98 -2.03
C PRO A 86 13.15 -1.56 -1.00
N ILE A 87 13.84 -0.69 -0.26
CA ILE A 87 14.77 -1.09 0.81
C ILE A 87 14.03 -1.10 2.13
N ILE A 88 13.24 -0.08 2.42
CA ILE A 88 12.60 0.08 3.78
C ILE A 88 11.28 -0.71 3.81
N TYR A 89 10.77 -1.17 2.68
CA TYR A 89 9.57 -2.07 2.68
C TYR A 89 9.71 -3.15 1.60
N THR A 90 8.64 -3.49 0.89
CA THR A 90 8.67 -4.57 -0.11
C THR A 90 9.73 -4.28 -1.18
N PRO A 91 10.60 -5.25 -1.57
CA PRO A 91 10.67 -6.61 -0.99
C PRO A 91 11.73 -6.86 0.08
N THR A 92 12.54 -5.87 0.40
CA THR A 92 13.67 -6.07 1.32
C THR A 92 13.19 -6.39 2.74
N VAL A 93 12.11 -5.77 3.22
CA VAL A 93 11.60 -5.95 4.62
C VAL A 93 11.27 -7.42 4.85
N GLY A 94 10.72 -8.10 3.86
CA GLY A 94 10.37 -9.53 3.97
C GLY A 94 11.61 -10.39 4.13
N GLU A 95 12.66 -10.09 3.35
CA GLU A 95 13.95 -10.83 3.39
C GLU A 95 14.60 -10.58 4.75
N ALA A 96 14.50 -9.37 5.28
CA ALA A 96 14.99 -9.04 6.64
C ALA A 96 14.23 -9.84 7.71
N CYS A 97 12.89 -9.88 7.64
CA CYS A 97 12.08 -10.70 8.55
C CYS A 97 12.49 -12.16 8.43
N MET A 98 12.67 -12.66 7.17
CA MET A 98 12.77 -14.12 6.97
C MET A 98 14.13 -14.62 7.53
N GLU A 99 15.23 -13.87 7.30
CA GLU A 99 16.62 -14.33 7.55
C GLU A 99 17.42 -13.41 8.50
N TYR A 100 16.95 -12.21 8.83
CA TYR A 100 17.67 -11.24 9.68
C TYR A 100 16.73 -10.62 10.72
N SER A 101 15.83 -11.40 11.32
CA SER A 101 14.81 -10.91 12.30
C SER A 101 15.45 -10.16 13.47
N HIS A 102 16.74 -10.40 13.73
CA HIS A 102 17.47 -9.70 14.82
C HIS A 102 17.50 -8.19 14.56
N LEU A 103 17.27 -7.75 13.33
CA LEU A 103 17.24 -6.29 12.99
C LEU A 103 16.06 -5.58 13.67
N PHE A 104 15.07 -6.31 14.17
CA PHE A 104 13.79 -5.77 14.72
C PHE A 104 13.72 -5.86 16.23
N PHE A 105 14.69 -6.54 16.85
CA PHE A 105 14.74 -6.82 18.30
C PHE A 105 14.57 -5.51 19.08
N ARG A 106 15.29 -4.45 18.71
CA ARG A 106 15.37 -3.22 19.55
C ARG A 106 14.20 -2.25 19.26
N GLU A 107 13.29 -2.60 18.33
CA GLU A 107 12.17 -1.71 17.94
C GLU A 107 10.97 -1.90 18.89
N ARG A 108 9.99 -1.03 18.86
CA ARG A 108 8.90 -0.99 19.88
C ARG A 108 7.74 -1.97 19.57
N GLY A 109 7.98 -3.19 19.11
CA GLY A 109 6.86 -4.13 18.83
C GLY A 109 6.01 -4.51 20.06
N VAL A 110 4.76 -4.91 19.82
CA VAL A 110 3.88 -5.54 20.82
C VAL A 110 3.52 -6.93 20.29
N TYR A 111 3.79 -7.95 21.10
CA TYR A 111 3.71 -9.39 20.75
C TYR A 111 2.52 -9.98 21.51
N PHE A 112 1.59 -10.58 20.78
CA PHE A 112 0.43 -11.31 21.32
C PHE A 112 0.53 -12.76 20.86
N ASN A 113 -0.06 -13.63 21.69
CA ASN A 113 -0.14 -15.08 21.45
C ASN A 113 -1.16 -15.64 22.43
N ARG A 114 -1.53 -16.89 22.23
CA ARG A 114 -2.51 -17.62 23.08
C ARG A 114 -2.04 -17.73 24.53
N LEU A 115 -0.73 -17.68 24.80
CA LEU A 115 -0.24 -17.81 26.20
C LEU A 115 -0.75 -16.61 27.00
N TYR A 116 -1.04 -15.49 26.33
CA TYR A 116 -1.39 -14.21 27.02
C TYR A 116 -2.90 -13.97 26.95
N LYS A 117 -3.66 -14.97 26.56
CA LYS A 117 -5.13 -14.89 26.45
C LYS A 117 -5.67 -14.27 27.72
N GLY A 118 -6.48 -13.22 27.59
CA GLY A 118 -7.16 -12.50 28.68
C GLY A 118 -6.31 -11.40 29.24
N GLN A 119 -5.05 -11.26 28.80
CA GLN A 119 -4.13 -10.22 29.32
C GLN A 119 -3.88 -9.15 28.24
N PHE A 120 -4.56 -9.22 27.09
CA PHE A 120 -4.22 -8.38 25.89
C PHE A 120 -4.29 -6.92 26.33
N ARG A 121 -5.36 -6.54 27.02
CA ARG A 121 -5.57 -5.15 27.46
C ARG A 121 -4.46 -4.71 28.45
N ASN A 122 -4.01 -5.57 29.37
CA ASN A 122 -2.91 -5.28 30.34
C ASN A 122 -1.60 -5.05 29.60
N ILE A 123 -1.31 -5.89 28.60
CA ILE A 123 -0.13 -5.74 27.72
C ILE A 123 -0.21 -4.38 27.05
N MET A 124 -1.37 -4.00 26.55
CA MET A 124 -1.47 -2.66 25.88
C MET A 124 -1.26 -1.55 26.91
N ARG A 125 -2.01 -1.56 28.01
CA ARG A 125 -1.85 -0.55 29.08
C ARG A 125 -0.39 -0.47 29.52
N ASP A 126 0.32 -1.61 29.59
CA ASP A 126 1.72 -1.65 30.10
C ASP A 126 2.66 -1.00 29.08
N ALA A 127 2.35 -1.07 27.76
CA ALA A 127 3.19 -0.45 26.71
C ALA A 127 3.35 1.06 26.99
N GLY A 128 2.40 1.68 27.70
CA GLY A 128 2.49 3.10 28.13
C GLY A 128 2.67 4.05 26.93
N TYR A 129 1.77 3.94 25.95
CA TYR A 129 1.77 4.85 24.78
C TYR A 129 0.68 5.86 25.06
N GLN A 130 0.84 7.13 24.68
CA GLN A 130 -0.28 8.07 24.90
C GLN A 130 -1.28 7.93 23.75
N LYS A 131 -1.55 8.98 22.99
CA LYS A 131 -2.73 9.00 22.12
C LYS A 131 -2.36 8.33 20.79
N VAL A 132 -2.19 7.01 20.81
CA VAL A 132 -1.85 6.19 19.63
C VAL A 132 -2.82 6.50 18.49
N GLU A 133 -2.28 6.70 17.29
CA GLU A 133 -3.08 7.09 16.09
C GLU A 133 -3.19 5.93 15.11
N VAL A 134 -2.10 5.18 14.94
CA VAL A 134 -2.02 4.08 13.93
C VAL A 134 -1.43 2.82 14.58
N VAL A 135 -2.12 1.69 14.42
CA VAL A 135 -1.63 0.36 14.84
C VAL A 135 -1.61 -0.50 13.59
N VAL A 136 -0.43 -0.97 13.17
CA VAL A 136 -0.35 -2.03 12.12
C VAL A 136 -0.22 -3.42 12.76
N ILE A 137 -1.13 -4.34 12.41
CA ILE A 137 -1.09 -5.75 12.91
C ILE A 137 -0.96 -6.69 11.72
N THR A 138 -0.13 -7.74 11.90
CA THR A 138 -0.01 -8.89 10.98
C THR A 138 0.06 -10.14 11.88
N ASP A 139 -0.21 -11.30 11.30
CA ASP A 139 0.05 -12.64 11.93
C ASP A 139 1.20 -13.32 11.17
N GLY A 140 1.77 -12.65 10.16
CA GLY A 140 2.91 -13.19 9.39
C GLY A 140 2.52 -14.27 8.40
N SER A 141 1.22 -14.41 8.09
CA SER A 141 0.70 -15.47 7.20
C SER A 141 1.00 -15.14 5.72
N ARG A 142 1.11 -13.86 5.37
CA ARG A 142 1.49 -13.22 4.07
C ARG A 142 0.27 -13.18 3.12
N ILE A 143 -0.03 -11.99 2.59
CA ILE A 143 -1.13 -11.81 1.58
C ILE A 143 -0.88 -12.72 0.36
N LEU A 144 0.36 -12.80 -0.12
CA LEU A 144 0.71 -13.52 -1.38
C LEU A 144 0.96 -15.00 -1.06
N GLY A 145 0.75 -15.40 0.21
CA GLY A 145 0.84 -16.79 0.74
C GLY A 145 2.24 -17.38 0.66
N LEU A 146 3.28 -16.57 0.46
CA LEU A 146 4.67 -17.09 0.29
C LEU A 146 5.52 -16.68 1.49
N GLY A 147 6.34 -17.61 1.98
CA GLY A 147 7.28 -17.35 3.08
C GLY A 147 6.54 -16.91 4.34
N ASP A 148 5.70 -17.77 4.91
CA ASP A 148 5.19 -17.65 6.30
C ASP A 148 6.33 -17.21 7.23
N LEU A 149 6.18 -16.07 7.90
CA LEU A 149 7.21 -15.45 8.77
C LEU A 149 6.89 -15.68 10.26
N GLY A 150 5.71 -16.23 10.58
CA GLY A 150 5.26 -16.33 11.98
C GLY A 150 5.53 -15.06 12.74
N SER A 151 6.13 -15.19 13.92
CA SER A 151 6.55 -14.11 14.86
C SER A 151 7.46 -13.10 14.14
N ASN A 152 8.26 -13.53 13.16
CA ASN A 152 9.18 -12.61 12.44
C ASN A 152 8.34 -11.64 11.59
N GLY A 153 7.04 -11.85 11.43
CA GLY A 153 6.13 -10.86 10.83
C GLY A 153 6.19 -9.48 11.52
N ILE A 154 6.60 -9.39 12.79
CA ILE A 154 6.70 -8.08 13.54
C ILE A 154 7.43 -7.04 12.65
N GLY A 155 8.40 -7.48 11.81
CA GLY A 155 9.19 -6.56 10.97
C GLY A 155 8.35 -5.89 9.88
N ILE A 156 7.34 -6.60 9.39
CA ILE A 156 6.34 -6.11 8.41
C ILE A 156 5.54 -5.01 9.08
N SER A 157 5.07 -5.22 10.29
CA SER A 157 4.35 -4.16 11.02
C SER A 157 5.24 -2.93 11.29
N ILE A 158 6.46 -3.15 11.76
CA ILE A 158 7.46 -2.08 11.95
C ILE A 158 7.65 -1.31 10.63
N GLY A 159 7.97 -1.97 9.51
CA GLY A 159 8.19 -1.24 8.25
C GLY A 159 6.98 -0.46 7.82
N LYS A 160 5.76 -1.03 7.95
CA LYS A 160 4.52 -0.35 7.50
C LYS A 160 4.27 0.88 8.39
N CYS A 161 4.45 0.76 9.69
CA CYS A 161 4.27 1.89 10.62
C CYS A 161 5.18 3.04 10.17
N SER A 162 6.41 2.72 9.76
CA SER A 162 7.41 3.72 9.32
C SER A 162 6.86 4.46 8.07
N LEU A 163 6.13 3.78 7.17
CA LEU A 163 5.59 4.45 5.96
C LEU A 163 4.46 5.43 6.32
N TYR A 164 3.68 5.19 7.38
CA TYR A 164 2.72 6.21 7.88
C TYR A 164 3.46 7.48 8.32
N VAL A 165 4.52 7.33 9.07
CA VAL A 165 5.34 8.49 9.54
C VAL A 165 5.89 9.22 8.33
N ALA A 166 6.61 8.54 7.44
CA ALA A 166 7.26 9.18 6.26
C ALA A 166 6.19 9.80 5.34
N GLY A 167 5.10 9.07 5.07
CA GLY A 167 4.10 9.42 4.05
C GLY A 167 3.13 10.50 4.49
N ALA A 168 2.68 10.49 5.75
CA ALA A 168 1.59 11.37 6.21
C ALA A 168 1.98 12.13 7.47
N GLY A 169 3.23 12.02 7.94
CA GLY A 169 3.66 12.70 9.18
C GLY A 169 2.79 12.34 10.38
N ILE A 170 2.35 11.07 10.48
CA ILE A 170 2.03 10.45 11.79
C ILE A 170 3.30 10.58 12.66
N ASP A 171 3.12 11.16 13.85
CA ASP A 171 4.17 11.30 14.86
C ASP A 171 4.71 9.90 15.16
N PRO A 172 6.04 9.69 15.07
CA PRO A 172 6.62 8.36 15.23
C PRO A 172 6.43 7.78 16.65
N ARG A 173 6.17 8.64 17.63
CA ARG A 173 5.75 8.22 19.00
C ARG A 173 4.33 7.65 19.01
N LEU A 174 3.52 7.91 17.99
CA LEU A 174 2.06 7.57 18.05
C LEU A 174 1.69 6.46 17.08
N ILE A 175 2.65 5.63 16.70
CA ILE A 175 2.44 4.42 15.85
C ILE A 175 2.93 3.18 16.62
N VAL A 176 2.15 2.11 16.54
CA VAL A 176 2.44 0.85 17.27
C VAL A 176 2.41 -0.33 16.31
N PRO A 177 3.56 -1.05 16.15
CA PRO A 177 3.61 -2.28 15.33
C PRO A 177 3.27 -3.52 16.18
N VAL A 178 2.35 -4.36 15.69
CA VAL A 178 1.84 -5.54 16.42
C VAL A 178 2.08 -6.79 15.60
N ILE A 179 2.48 -7.86 16.30
CA ILE A 179 2.46 -9.24 15.77
C ILE A 179 1.49 -10.02 16.63
N LEU A 180 0.46 -10.60 16.00
CA LEU A 180 -0.41 -11.59 16.64
C LEU A 180 0.15 -12.93 16.21
N ASP A 181 0.90 -13.59 17.11
CA ASP A 181 1.55 -14.88 16.78
C ASP A 181 0.52 -15.98 17.09
N VAL A 182 -0.11 -16.51 16.05
CA VAL A 182 -1.04 -17.65 16.15
C VAL A 182 -0.37 -18.90 15.57
N GLY A 183 0.96 -18.96 15.67
CA GLY A 183 1.79 -20.06 15.17
C GLY A 183 2.23 -19.86 13.74
N THR A 184 2.86 -20.87 13.15
CA THR A 184 3.50 -20.75 11.81
C THR A 184 3.50 -22.11 11.16
N ASN A 185 3.38 -22.13 9.83
CA ASN A 185 3.42 -23.34 8.97
C ASN A 185 4.77 -23.37 8.26
N ASN A 186 5.65 -22.46 8.62
CA ASN A 186 7.03 -22.43 8.13
C ASN A 186 7.78 -23.63 8.77
N GLU A 187 8.09 -24.65 8.00
CA GLU A 187 8.71 -25.92 8.50
C GLU A 187 10.13 -25.62 9.00
N ARG A 188 10.89 -24.79 8.32
CA ARG A 188 12.25 -24.41 8.76
C ARG A 188 12.16 -23.83 10.18
N TYR A 189 11.23 -22.91 10.37
CA TYR A 189 11.05 -22.21 11.66
C TYR A 189 10.61 -23.21 12.76
N LEU A 190 9.71 -24.15 12.41
CA LEU A 190 9.15 -25.10 13.41
C LEU A 190 10.31 -25.94 14.00
N GLN A 191 11.35 -26.17 13.23
CA GLN A 191 12.52 -27.02 13.58
C GLN A 191 13.74 -26.14 13.95
N ASP A 192 13.65 -24.81 13.89
CA ASP A 192 14.84 -23.92 14.07
C ASP A 192 15.01 -23.63 15.55
N LYS A 193 16.16 -24.04 16.10
CA LYS A 193 16.47 -23.85 17.54
C LYS A 193 16.40 -22.36 17.87
N ASP A 194 16.56 -21.47 16.89
CA ASP A 194 16.65 -20.01 17.14
C ASP A 194 15.35 -19.28 16.80
N TYR A 195 14.29 -19.97 16.40
CA TYR A 195 12.95 -19.36 16.28
C TYR A 195 12.42 -19.06 17.66
N LEU A 196 11.97 -17.82 17.86
CA LEU A 196 11.63 -17.27 19.18
C LEU A 196 10.11 -17.19 19.33
N GLY A 197 9.36 -17.58 18.31
CA GLY A 197 7.88 -17.46 18.31
C GLY A 197 7.22 -18.68 18.93
N MET A 198 5.88 -18.77 18.76
CA MET A 198 5.10 -19.98 19.16
C MET A 198 5.46 -21.11 18.21
N ARG A 199 6.03 -22.20 18.75
CA ARG A 199 6.49 -23.33 17.92
C ARG A 199 5.34 -24.32 17.77
N GLU A 200 4.39 -23.96 16.93
CA GLU A 200 3.24 -24.82 16.58
C GLU A 200 2.65 -24.31 15.27
N LYS A 201 1.96 -25.21 14.58
CA LYS A 201 1.19 -24.96 13.35
C LYS A 201 0.13 -23.90 13.65
N ARG A 202 -0.35 -23.20 12.63
CA ARG A 202 -1.28 -22.06 12.75
C ARG A 202 -2.56 -22.55 13.42
N LEU A 203 -3.03 -21.80 14.42
CA LEU A 203 -4.30 -22.17 15.13
C LEU A 203 -5.43 -22.28 14.10
N GLY A 204 -6.43 -23.10 14.33
CA GLY A 204 -7.67 -23.08 13.53
C GLY A 204 -8.46 -21.80 13.73
N ASP A 205 -9.53 -21.64 12.95
CA ASP A 205 -10.25 -20.36 12.77
C ASP A 205 -10.90 -19.96 14.07
N GLU A 206 -11.47 -20.90 14.79
CA GLU A 206 -12.22 -20.56 16.01
C GLU A 206 -11.27 -19.91 17.04
N GLU A 207 -10.10 -20.49 17.27
CA GLU A 207 -9.14 -19.93 18.26
C GLU A 207 -8.50 -18.65 17.67
N PHE A 208 -8.24 -18.63 16.37
CA PHE A 208 -7.71 -17.44 15.66
C PHE A 208 -8.59 -16.24 15.98
N TYR A 209 -9.92 -16.39 15.88
CA TYR A 209 -10.88 -15.27 16.01
C TYR A 209 -11.10 -14.97 17.49
N GLU A 210 -10.98 -15.96 18.38
CA GLU A 210 -11.04 -15.68 19.84
C GLU A 210 -9.93 -14.70 20.20
N LEU A 211 -8.73 -14.91 19.69
CA LEU A 211 -7.56 -14.06 20.05
C LEU A 211 -7.69 -12.71 19.32
N LEU A 212 -8.03 -12.71 18.03
CA LEU A 212 -8.06 -11.43 17.26
C LEU A 212 -9.25 -10.60 17.73
N ASP A 213 -10.36 -11.23 18.12
CA ASP A 213 -11.45 -10.51 18.83
C ASP A 213 -10.93 -9.82 20.09
N GLU A 214 -10.23 -10.52 20.98
CA GLU A 214 -9.74 -9.90 22.22
C GLU A 214 -8.83 -8.72 21.84
N PHE A 215 -7.97 -8.88 20.83
CA PHE A 215 -7.05 -7.80 20.40
C PHE A 215 -7.83 -6.55 19.95
N MET A 216 -8.88 -6.71 19.13
CA MET A 216 -9.68 -5.55 18.63
C MET A 216 -10.39 -4.87 19.81
N GLU A 217 -10.89 -5.65 20.76
CA GLU A 217 -11.68 -5.10 21.90
C GLU A 217 -10.71 -4.40 22.85
N ALA A 218 -9.56 -5.02 23.12
CA ALA A 218 -8.52 -4.39 23.96
C ALA A 218 -8.01 -3.11 23.31
N ALA A 219 -7.69 -3.13 22.02
CA ALA A 219 -7.21 -1.94 21.27
C ALA A 219 -8.28 -0.83 21.28
N SER A 220 -9.54 -1.20 21.08
CA SER A 220 -10.62 -0.19 21.05
C SER A 220 -10.73 0.49 22.42
N ALA A 221 -10.41 -0.18 23.53
CA ALA A 221 -10.52 0.39 24.90
C ALA A 221 -9.24 1.17 25.27
N GLU A 222 -8.07 0.64 24.93
CA GLU A 222 -6.78 1.17 25.45
C GLU A 222 -6.16 2.16 24.46
N TRP A 223 -6.39 1.94 23.18
CA TRP A 223 -5.94 2.83 22.09
C TRP A 223 -7.16 3.33 21.33
N PRO A 224 -8.07 4.08 22.01
CA PRO A 224 -9.38 4.43 21.42
C PRO A 224 -9.27 5.36 20.21
N ASN A 225 -8.18 6.10 20.06
CA ASN A 225 -8.00 7.11 18.97
C ASN A 225 -7.33 6.45 17.74
N ALA A 226 -6.95 5.18 17.84
CA ALA A 226 -6.11 4.52 16.82
C ALA A 226 -6.98 4.06 15.66
N VAL A 227 -6.40 4.07 14.47
CA VAL A 227 -6.82 3.27 13.29
C VAL A 227 -6.11 1.92 13.37
N ILE A 228 -6.82 0.80 13.25
CA ILE A 228 -6.20 -0.56 13.21
C ILE A 228 -6.09 -0.98 11.75
N GLN A 229 -4.88 -1.21 11.25
CA GLN A 229 -4.73 -1.59 9.83
C GLN A 229 -4.12 -2.99 9.77
N PHE A 230 -4.86 -3.91 9.18
CA PHE A 230 -4.44 -5.30 8.86
C PHE A 230 -3.49 -5.30 7.68
N GLU A 231 -2.28 -5.84 7.90
CA GLU A 231 -1.20 -5.93 6.90
C GLU A 231 -0.81 -7.40 6.73
N ASP A 232 -0.76 -7.86 5.48
CA ASP A 232 -0.08 -9.10 5.08
C ASP A 232 -0.73 -10.34 5.71
N PHE A 233 -2.05 -10.34 5.86
CA PHE A 233 -2.85 -11.53 6.25
C PHE A 233 -3.17 -12.33 4.98
N SER A 234 -3.12 -13.65 5.08
CA SER A 234 -3.42 -14.63 4.02
C SER A 234 -4.89 -14.51 3.63
N ASN A 235 -5.19 -14.93 2.41
CA ASN A 235 -6.51 -14.88 1.73
C ASN A 235 -7.56 -15.68 2.50
N ASN A 236 -7.20 -16.73 3.26
CA ASN A 236 -8.21 -17.49 4.03
C ASN A 236 -8.82 -16.58 5.13
N HIS A 237 -8.17 -15.48 5.52
CA HIS A 237 -8.64 -14.64 6.65
C HIS A 237 -8.89 -13.17 6.28
N CYS A 238 -8.16 -12.58 5.33
CA CYS A 238 -8.09 -11.08 5.21
C CYS A 238 -9.47 -10.47 4.86
N PHE A 239 -10.19 -11.11 3.90
CA PHE A 239 -11.56 -10.69 3.51
C PHE A 239 -12.50 -10.93 4.70
N ASP A 240 -12.41 -12.07 5.39
CA ASP A 240 -13.36 -12.40 6.49
C ASP A 240 -13.14 -11.45 7.65
N ILE A 241 -11.89 -11.07 7.90
CA ILE A 241 -11.53 -10.13 9.01
C ILE A 241 -12.27 -8.80 8.76
N MET A 242 -12.22 -8.27 7.55
CA MET A 242 -12.89 -6.97 7.27
C MET A 242 -14.40 -7.14 7.47
N GLU A 243 -14.95 -8.23 6.97
CA GLU A 243 -16.42 -8.47 7.12
C GLU A 243 -16.76 -8.51 8.62
N ARG A 244 -15.91 -9.10 9.44
CA ARG A 244 -16.15 -9.26 10.89
C ARG A 244 -16.04 -7.91 11.62
N TYR A 245 -15.09 -7.05 11.24
CA TYR A 245 -14.75 -5.87 12.07
C TYR A 245 -15.10 -4.51 11.45
N GLN A 246 -15.41 -4.41 10.16
CA GLN A 246 -15.33 -3.11 9.45
C GLN A 246 -16.29 -2.10 10.08
N LYS A 247 -17.48 -2.53 10.48
CA LYS A 247 -18.52 -1.68 11.11
C LYS A 247 -18.27 -1.47 12.61
N LYS A 248 -17.68 -2.43 13.34
CA LYS A 248 -17.63 -2.32 14.83
C LYS A 248 -16.37 -1.59 15.27
N TYR A 249 -15.32 -1.53 14.45
CA TYR A 249 -14.02 -0.94 14.89
C TYR A 249 -13.50 0.00 13.81
N ARG A 250 -12.53 0.84 14.12
CA ARG A 250 -11.94 1.78 13.16
C ARG A 250 -10.80 1.02 12.46
N CYS A 251 -11.08 0.38 11.33
CA CYS A 251 -10.09 -0.57 10.77
C CYS A 251 -10.17 -0.67 9.24
N PHE A 252 -9.06 -1.03 8.63
CA PHE A 252 -9.03 -1.31 7.19
C PHE A 252 -7.86 -2.23 6.90
N ASN A 253 -7.85 -2.74 5.69
CA ASN A 253 -6.81 -3.65 5.16
C ASN A 253 -6.21 -2.98 3.93
N ASP A 254 -4.93 -2.58 4.01
CA ASP A 254 -4.28 -1.87 2.91
C ASP A 254 -4.20 -2.77 1.66
N ASP A 255 -3.82 -4.03 1.80
CA ASP A 255 -3.66 -4.98 0.67
C ASP A 255 -4.95 -5.03 -0.18
N ILE A 256 -6.12 -5.17 0.44
CA ILE A 256 -7.44 -5.22 -0.25
C ILE A 256 -7.89 -3.80 -0.67
N GLN A 257 -8.13 -2.91 0.31
CA GLN A 257 -8.79 -1.59 0.09
C GLN A 257 -7.81 -0.52 -0.45
N GLY A 258 -6.58 -0.45 0.06
CA GLY A 258 -5.55 0.47 -0.45
C GLY A 258 -5.22 0.23 -1.91
N THR A 259 -4.90 -1.01 -2.25
CA THR A 259 -4.51 -1.41 -3.63
C THR A 259 -5.59 -0.92 -4.61
N GLY A 260 -6.84 -1.32 -4.38
CA GLY A 260 -7.92 -1.00 -5.31
C GLY A 260 -8.12 0.50 -5.45
N ALA A 261 -8.08 1.27 -4.35
CA ALA A 261 -8.23 2.75 -4.39
C ALA A 261 -7.10 3.36 -5.25
N VAL A 262 -5.87 2.85 -5.17
CA VAL A 262 -4.72 3.44 -5.94
C VAL A 262 -4.82 3.03 -7.41
N ILE A 263 -5.15 1.76 -7.65
CA ILE A 263 -5.24 1.25 -9.05
C ILE A 263 -6.38 1.98 -9.75
N ALA A 264 -7.54 2.12 -9.10
CA ALA A 264 -8.71 2.81 -9.71
C ALA A 264 -8.32 4.25 -10.08
N ALA A 265 -7.70 5.00 -9.15
CA ALA A 265 -7.26 6.40 -9.40
C ALA A 265 -6.43 6.44 -10.68
N GLY A 266 -5.43 5.58 -10.78
CA GLY A 266 -4.49 5.56 -11.92
C GLY A 266 -5.20 5.17 -13.19
N PHE A 267 -6.07 4.19 -13.12
CA PHE A 267 -6.75 3.66 -14.32
C PHE A 267 -7.66 4.74 -14.91
N LEU A 268 -8.38 5.51 -14.08
CA LEU A 268 -9.28 6.57 -14.61
C LEU A 268 -8.48 7.66 -15.29
N ASN A 269 -7.29 7.99 -14.79
CA ASN A 269 -6.34 8.91 -15.49
C ASN A 269 -5.83 8.29 -16.82
N ALA A 270 -5.52 7.00 -16.85
CA ALA A 270 -5.19 6.30 -18.12
C ALA A 270 -6.35 6.42 -19.12
N ILE A 271 -7.58 6.24 -18.66
CA ILE A 271 -8.78 6.43 -19.53
C ILE A 271 -8.79 7.85 -20.08
N LYS A 272 -8.62 8.87 -19.22
CA LYS A 272 -8.59 10.29 -19.67
C LYS A 272 -7.53 10.49 -20.74
N LEU A 273 -6.33 9.97 -20.55
CA LEU A 273 -5.26 10.14 -21.57
C LEU A 273 -5.56 9.36 -22.85
N SER A 274 -6.31 8.25 -22.79
CA SER A 274 -6.34 7.24 -23.88
C SER A 274 -7.16 7.72 -25.08
N GLY A 275 -8.03 8.72 -24.92
CA GLY A 275 -9.04 9.09 -25.93
C GLY A 275 -10.19 8.09 -26.01
N VAL A 276 -10.23 7.05 -25.17
CA VAL A 276 -11.37 6.09 -25.15
C VAL A 276 -12.05 6.24 -23.79
N SER A 277 -13.18 6.96 -23.76
CA SER A 277 -13.97 7.31 -22.55
C SER A 277 -14.42 6.05 -21.79
N PRO A 278 -14.83 6.15 -20.51
CA PRO A 278 -15.07 4.96 -19.70
C PRO A 278 -16.09 3.99 -20.32
N LEU A 279 -17.21 4.47 -20.88
CA LEU A 279 -18.25 3.54 -21.43
C LEU A 279 -17.79 2.94 -22.77
N GLN A 280 -16.72 3.45 -23.38
CA GLN A 280 -16.16 2.96 -24.64
C GLN A 280 -15.00 1.98 -24.37
N GLN A 281 -14.60 1.80 -23.11
CA GLN A 281 -13.49 0.89 -22.75
C GLN A 281 -14.01 -0.54 -22.81
N ARG A 282 -13.20 -1.43 -23.36
CA ARG A 282 -13.35 -2.89 -23.25
C ARG A 282 -12.12 -3.44 -22.53
N ILE A 283 -12.33 -3.80 -21.27
CA ILE A 283 -11.28 -4.12 -20.27
C ILE A 283 -11.18 -5.63 -20.07
N VAL A 284 -10.10 -6.25 -20.55
CA VAL A 284 -9.70 -7.62 -20.11
C VAL A 284 -9.09 -7.52 -18.71
N VAL A 285 -9.72 -8.16 -17.75
CA VAL A 285 -9.21 -8.44 -16.40
C VAL A 285 -8.63 -9.84 -16.43
N PHE A 286 -7.32 -9.92 -16.63
CA PHE A 286 -6.55 -11.18 -16.65
C PHE A 286 -6.26 -11.59 -15.20
N GLY A 287 -7.06 -12.51 -14.69
CA GLY A 287 -7.04 -12.92 -13.27
C GLY A 287 -8.39 -12.68 -12.63
N ALA A 288 -8.88 -13.66 -11.86
CA ALA A 288 -10.28 -13.72 -11.40
C ALA A 288 -10.34 -14.05 -9.93
N GLY A 289 -9.25 -13.84 -9.20
CA GLY A 289 -9.25 -13.93 -7.72
C GLY A 289 -10.15 -12.89 -7.10
N SER A 290 -10.39 -12.95 -5.79
CA SER A 290 -11.19 -11.94 -5.05
C SER A 290 -10.58 -10.56 -5.16
N ALA A 291 -9.26 -10.46 -5.05
CA ALA A 291 -8.51 -9.19 -5.10
C ALA A 291 -8.73 -8.54 -6.48
N ALA A 292 -8.56 -9.31 -7.56
CA ALA A 292 -8.68 -8.83 -8.96
C ALA A 292 -10.09 -8.30 -9.19
N VAL A 293 -11.10 -9.07 -8.77
CA VAL A 293 -12.51 -8.63 -8.93
C VAL A 293 -12.76 -7.39 -8.07
N GLY A 294 -12.22 -7.32 -6.84
CA GLY A 294 -12.34 -6.12 -5.99
C GLY A 294 -11.75 -4.88 -6.68
N VAL A 295 -10.66 -5.03 -7.41
CA VAL A 295 -10.04 -3.90 -8.17
C VAL A 295 -10.99 -3.45 -9.28
N ALA A 296 -11.55 -4.41 -10.08
CA ALA A 296 -12.55 -4.08 -11.12
C ALA A 296 -13.71 -3.30 -10.50
N ASN A 297 -14.27 -3.81 -9.42
CA ASN A 297 -15.39 -3.15 -8.73
C ASN A 297 -14.99 -1.78 -8.22
N ASN A 298 -13.77 -1.60 -7.72
CA ASN A 298 -13.26 -0.28 -7.25
C ASN A 298 -13.24 0.68 -8.44
N ILE A 299 -12.78 0.23 -9.61
CA ILE A 299 -12.79 1.04 -10.85
C ILE A 299 -14.20 1.48 -11.18
N ALA A 300 -15.13 0.54 -11.26
CA ALA A 300 -16.54 0.82 -11.58
C ALA A 300 -17.09 1.83 -10.57
N ALA A 301 -16.87 1.60 -9.28
CA ALA A 301 -17.36 2.48 -8.20
C ALA A 301 -16.80 3.90 -8.38
N LEU A 302 -15.53 4.05 -8.75
CA LEU A 302 -14.95 5.40 -8.87
C LEU A 302 -15.51 6.12 -10.11
N ALA A 303 -15.58 5.44 -11.24
CA ALA A 303 -16.14 6.04 -12.48
C ALA A 303 -17.61 6.44 -12.24
N ALA A 304 -18.37 5.62 -11.53
CA ALA A 304 -19.77 5.96 -11.15
C ALA A 304 -19.76 7.22 -10.27
N ARG A 305 -18.86 7.31 -9.29
CA ARG A 305 -18.86 8.54 -8.43
C ARG A 305 -18.49 9.77 -9.27
N MET A 306 -17.42 9.71 -10.07
CA MET A 306 -16.83 10.89 -10.72
C MET A 306 -17.68 11.35 -11.92
N TYR A 307 -18.41 10.43 -12.56
CA TYR A 307 -19.07 10.69 -13.86
C TYR A 307 -20.57 10.39 -13.83
N LYS A 308 -21.09 9.74 -12.82
CA LYS A 308 -22.54 9.37 -12.70
C LYS A 308 -22.97 8.61 -13.95
N PHE A 309 -22.11 7.77 -14.55
CA PHE A 309 -22.60 6.66 -15.41
C PHE A 309 -23.28 5.62 -14.53
N PRO A 310 -24.37 5.00 -15.01
CA PRO A 310 -24.97 3.88 -14.28
C PRO A 310 -23.90 2.81 -14.05
N VAL A 311 -23.71 2.39 -12.80
CA VAL A 311 -22.66 1.40 -12.46
C VAL A 311 -22.85 0.11 -13.29
N GLN A 312 -24.08 -0.32 -13.59
CA GLN A 312 -24.39 -1.55 -14.37
C GLN A 312 -23.68 -1.49 -15.74
N ASP A 313 -23.73 -0.33 -16.39
CA ASP A 313 -23.11 -0.06 -17.71
C ASP A 313 -21.58 -0.09 -17.59
N LEU A 314 -21.04 0.40 -16.46
CA LEU A 314 -19.58 0.32 -16.22
C LEU A 314 -19.15 -1.15 -16.04
N VAL A 315 -19.94 -1.95 -15.33
CA VAL A 315 -19.65 -3.38 -15.09
C VAL A 315 -19.55 -4.12 -16.43
N LYS A 316 -20.38 -3.77 -17.41
CA LYS A 316 -20.37 -4.42 -18.75
C LYS A 316 -19.14 -4.04 -19.56
N THR A 317 -18.25 -3.15 -19.09
CA THR A 317 -16.99 -2.86 -19.83
C THR A 317 -15.96 -3.94 -19.50
N PHE A 318 -16.21 -4.74 -18.46
CA PHE A 318 -15.25 -5.73 -17.92
C PHE A 318 -15.48 -7.11 -18.52
N TYR A 319 -14.37 -7.70 -18.91
CA TYR A 319 -14.24 -9.08 -19.46
C TYR A 319 -13.22 -9.83 -18.62
N LEU A 320 -13.76 -10.65 -17.72
CA LEU A 320 -12.99 -11.30 -16.64
C LEU A 320 -12.49 -12.64 -17.17
N VAL A 321 -11.20 -12.91 -16.96
CA VAL A 321 -10.54 -14.16 -17.43
C VAL A 321 -9.95 -14.87 -16.21
N ASP A 322 -10.47 -16.06 -15.93
CA ASP A 322 -9.91 -17.00 -14.91
C ASP A 322 -9.12 -18.09 -15.64
N THR A 323 -8.62 -19.10 -14.91
CA THR A 323 -7.75 -20.17 -15.47
C THR A 323 -8.48 -20.96 -16.58
N LYS A 324 -9.82 -21.04 -16.57
CA LYS A 324 -10.60 -21.74 -17.61
C LYS A 324 -10.69 -20.92 -18.91
N GLY A 325 -10.70 -19.59 -18.79
CA GLY A 325 -10.92 -18.66 -19.93
C GLY A 325 -11.87 -17.52 -19.57
N LEU A 326 -12.57 -16.99 -20.60
CA LEU A 326 -13.48 -15.84 -20.43
C LEU A 326 -14.59 -16.29 -19.50
N VAL A 327 -14.85 -15.54 -18.42
CA VAL A 327 -15.96 -15.84 -17.47
C VAL A 327 -17.27 -15.45 -18.13
N THR A 328 -18.15 -16.42 -18.36
CA THR A 328 -19.45 -16.20 -19.05
C THR A 328 -20.53 -17.00 -18.34
N THR A 329 -21.79 -16.64 -18.55
CA THR A 329 -22.95 -17.28 -17.88
C THR A 329 -23.28 -18.58 -18.63
N THR A 330 -22.65 -18.82 -19.80
CA THR A 330 -23.05 -19.90 -20.74
C THR A 330 -21.96 -20.94 -20.90
N ARG A 331 -20.90 -20.91 -20.09
CA ARG A 331 -19.76 -21.82 -20.35
C ARG A 331 -19.95 -23.11 -19.57
N GLY A 332 -20.97 -23.20 -18.71
CA GLY A 332 -21.51 -24.47 -18.20
C GLY A 332 -20.85 -24.94 -16.91
N ASP A 333 -20.14 -24.06 -16.20
CA ASP A 333 -19.63 -24.36 -14.84
C ASP A 333 -20.46 -23.56 -13.83
N GLN A 334 -20.38 -23.91 -12.56
CA GLN A 334 -20.94 -23.15 -11.40
C GLN A 334 -19.87 -22.14 -10.96
N LEU A 335 -20.08 -20.86 -11.25
CA LEU A 335 -19.08 -19.78 -10.96
C LEU A 335 -19.02 -19.50 -9.45
N ALA A 336 -17.81 -19.39 -8.91
CA ALA A 336 -17.56 -18.74 -7.60
C ALA A 336 -18.32 -17.41 -7.50
N ALA A 337 -18.83 -17.08 -6.32
CA ALA A 337 -19.68 -15.89 -6.07
C ALA A 337 -19.06 -14.64 -6.69
N HIS A 338 -17.80 -14.36 -6.39
CA HIS A 338 -17.13 -13.09 -6.79
C HIS A 338 -17.09 -12.98 -8.32
N LYS A 339 -17.12 -14.11 -9.05
CA LYS A 339 -17.01 -14.08 -10.55
C LYS A 339 -18.38 -13.81 -11.20
N LYS A 340 -19.50 -14.01 -10.53
CA LYS A 340 -20.84 -13.94 -11.19
C LYS A 340 -21.15 -12.50 -11.61
N LEU A 341 -20.84 -11.51 -10.77
CA LEU A 341 -21.11 -10.07 -11.07
C LEU A 341 -20.53 -9.69 -12.45
N LEU A 342 -19.30 -10.13 -12.78
CA LEU A 342 -18.54 -9.67 -13.98
C LEU A 342 -18.69 -10.68 -15.10
N ALA A 343 -19.51 -11.72 -14.90
CA ALA A 343 -19.73 -12.76 -15.93
C ALA A 343 -20.40 -12.10 -17.14
N ARG A 344 -19.90 -12.36 -18.35
CA ARG A 344 -20.57 -11.98 -19.60
C ARG A 344 -21.92 -12.73 -19.69
N THR A 345 -22.97 -12.00 -20.03
CA THR A 345 -24.33 -12.48 -20.33
C THR A 345 -24.56 -12.44 -21.85
N ASP A 346 -23.67 -11.78 -22.58
CA ASP A 346 -23.80 -11.52 -24.04
C ASP A 346 -22.94 -12.50 -24.87
N VAL A 347 -22.54 -13.65 -24.32
CA VAL A 347 -21.66 -14.62 -25.04
C VAL A 347 -22.32 -15.99 -24.98
N SER A 348 -22.51 -16.63 -26.15
CA SER A 348 -23.10 -17.98 -26.35
C SER A 348 -22.19 -19.04 -25.76
N ALA A 349 -22.77 -20.17 -25.37
CA ALA A 349 -22.07 -21.38 -24.90
C ALA A 349 -21.03 -21.80 -25.95
N GLU A 350 -21.36 -21.67 -27.24
CA GLU A 350 -20.51 -22.15 -28.37
C GLU A 350 -19.25 -21.28 -28.47
N ASP A 351 -19.42 -19.96 -28.34
CA ASP A 351 -18.30 -18.98 -28.33
C ASP A 351 -17.49 -19.19 -27.04
N SER A 352 -18.15 -19.31 -25.87
CA SER A 352 -17.47 -19.58 -24.59
C SER A 352 -16.45 -20.73 -24.75
N ALA A 353 -16.83 -21.79 -25.48
CA ALA A 353 -15.99 -23.01 -25.65
C ALA A 353 -14.74 -22.67 -26.46
N LYS A 354 -14.80 -21.64 -27.29
CA LYS A 354 -13.69 -21.25 -28.19
C LYS A 354 -12.93 -20.07 -27.58
N LEU A 355 -13.11 -19.78 -26.27
CA LEU A 355 -12.54 -18.58 -25.58
C LEU A 355 -11.86 -19.01 -24.29
N ARG A 356 -10.75 -19.72 -24.46
CA ARG A 356 -9.99 -20.39 -23.37
C ARG A 356 -8.62 -19.75 -23.27
N THR A 357 -7.90 -19.59 -24.38
CA THR A 357 -6.52 -19.03 -24.37
C THR A 357 -6.62 -17.51 -24.45
N LEU A 358 -5.68 -16.83 -23.82
CA LEU A 358 -5.78 -15.35 -23.72
C LEU A 358 -5.78 -14.80 -25.13
N GLU A 359 -4.95 -15.34 -26.02
CA GLU A 359 -4.81 -14.86 -27.42
C GLU A 359 -6.19 -14.79 -28.12
N GLU A 360 -6.98 -15.86 -28.09
CA GLU A 360 -8.29 -15.92 -28.81
C GLU A 360 -9.31 -15.07 -28.07
N ILE A 361 -9.19 -14.98 -26.73
CA ILE A 361 -10.10 -14.08 -25.94
C ILE A 361 -9.86 -12.65 -26.44
N VAL A 362 -8.60 -12.24 -26.53
CA VAL A 362 -8.30 -10.86 -26.97
C VAL A 362 -8.79 -10.64 -28.40
N ARG A 363 -8.60 -11.61 -29.29
CA ARG A 363 -9.02 -11.47 -30.71
C ARG A 363 -10.55 -11.31 -30.79
N PHE A 364 -11.30 -12.02 -29.94
CA PHE A 364 -12.79 -11.99 -29.93
C PHE A 364 -13.32 -10.70 -29.27
N VAL A 365 -12.83 -10.37 -28.06
CA VAL A 365 -13.31 -9.27 -27.18
C VAL A 365 -12.92 -7.93 -27.78
N LYS A 366 -11.74 -7.83 -28.40
CA LYS A 366 -11.24 -6.58 -29.03
C LYS A 366 -11.10 -5.54 -27.92
N PRO A 367 -10.26 -5.81 -26.91
CA PRO A 367 -10.13 -4.91 -25.76
C PRO A 367 -9.29 -3.66 -26.07
N THR A 368 -9.56 -2.60 -25.31
CA THR A 368 -8.83 -1.32 -25.30
C THR A 368 -7.91 -1.25 -24.09
N THR A 369 -8.13 -2.09 -23.08
CA THR A 369 -7.33 -2.19 -21.84
C THR A 369 -7.02 -3.65 -21.52
N LEU A 370 -5.81 -3.91 -21.07
CA LEU A 370 -5.40 -5.20 -20.45
C LEU A 370 -5.00 -4.92 -19.01
N LEU A 371 -5.77 -5.45 -18.04
CA LEU A 371 -5.41 -5.38 -16.61
C LEU A 371 -4.78 -6.70 -16.21
N GLY A 372 -3.48 -6.67 -15.88
CA GLY A 372 -2.72 -7.86 -15.46
C GLY A 372 -2.76 -8.03 -13.96
N LEU A 373 -3.63 -8.94 -13.48
CA LEU A 373 -3.75 -9.33 -12.05
C LEU A 373 -3.67 -10.86 -11.91
N GLY A 374 -2.93 -11.51 -12.80
CA GLY A 374 -2.99 -12.96 -13.09
C GLY A 374 -2.03 -13.75 -12.23
N GLY A 375 -0.82 -13.21 -11.95
CA GLY A 375 0.26 -13.89 -11.19
C GLY A 375 0.73 -15.18 -11.84
N VAL A 376 0.84 -15.25 -13.17
CA VAL A 376 1.25 -16.49 -13.91
C VAL A 376 2.24 -16.12 -15.00
N GLY A 377 3.03 -15.05 -14.81
CA GLY A 377 4.11 -14.66 -15.75
C GLY A 377 3.63 -13.83 -16.94
N PRO A 378 4.45 -13.76 -18.02
CA PRO A 378 4.30 -12.77 -19.09
C PRO A 378 3.25 -13.12 -20.14
N ALA A 379 1.99 -13.21 -19.71
CA ALA A 379 0.83 -13.55 -20.58
C ALA A 379 0.55 -12.47 -21.62
N PHE A 380 0.94 -11.20 -21.45
CA PHE A 380 0.65 -10.17 -22.49
C PHE A 380 1.79 -10.16 -23.52
N THR A 381 1.64 -10.96 -24.58
CA THR A 381 2.67 -11.24 -25.61
C THR A 381 2.71 -10.10 -26.63
N GLU A 382 3.72 -10.03 -27.49
CA GLU A 382 3.74 -9.07 -28.62
C GLU A 382 2.44 -9.16 -29.43
N GLU A 383 1.98 -10.38 -29.74
CA GLU A 383 0.78 -10.63 -30.60
C GLU A 383 -0.46 -9.98 -29.93
N ILE A 384 -0.65 -10.28 -28.67
CA ILE A 384 -1.78 -9.73 -27.86
C ILE A 384 -1.69 -8.19 -27.87
N VAL A 385 -0.51 -7.64 -27.56
CA VAL A 385 -0.35 -6.16 -27.48
C VAL A 385 -0.66 -5.55 -28.85
N LYS A 386 -0.19 -6.14 -29.96
CA LYS A 386 -0.44 -5.55 -31.30
C LYS A 386 -1.92 -5.72 -31.68
N MET A 387 -2.63 -6.69 -31.12
CA MET A 387 -4.11 -6.79 -31.31
C MET A 387 -4.82 -5.62 -30.62
N VAL A 388 -4.44 -5.25 -29.40
CA VAL A 388 -5.03 -4.06 -28.71
C VAL A 388 -4.78 -2.78 -29.52
N MET A 389 -3.66 -2.66 -30.25
CA MET A 389 -3.38 -1.45 -31.09
CA MET A 389 -3.35 -1.48 -31.12
C MET A 389 -4.41 -1.37 -32.23
N GLN A 390 -5.06 -2.47 -32.59
CA GLN A 390 -6.14 -2.45 -33.61
C GLN A 390 -7.41 -1.81 -33.03
N ASN A 391 -7.60 -1.79 -31.72
CA ASN A 391 -8.89 -1.38 -31.09
C ASN A 391 -8.80 0.05 -30.50
N THR A 392 -7.61 0.63 -30.37
CA THR A 392 -7.41 1.95 -29.74
C THR A 392 -6.06 2.52 -30.19
N GLU A 393 -5.97 3.84 -30.30
CA GLU A 393 -4.68 4.53 -30.54
C GLU A 393 -3.78 4.46 -29.30
N ARG A 394 -4.35 4.27 -28.10
CA ARG A 394 -3.62 4.33 -26.81
C ARG A 394 -4.05 3.16 -25.93
N PRO A 395 -3.48 1.96 -26.19
CA PRO A 395 -3.71 0.79 -25.35
C PRO A 395 -3.31 1.13 -23.91
N ILE A 396 -4.22 0.83 -22.99
CA ILE A 396 -3.92 0.87 -21.54
C ILE A 396 -3.48 -0.53 -21.15
N ILE A 397 -2.24 -0.68 -20.65
CA ILE A 397 -1.64 -1.97 -20.27
C ILE A 397 -1.10 -1.86 -18.85
N PHE A 398 -1.76 -2.54 -17.90
CA PHE A 398 -1.37 -2.49 -16.47
C PHE A 398 -0.88 -3.86 -16.00
N PRO A 399 0.44 -4.16 -16.11
CA PRO A 399 1.04 -5.37 -15.55
C PRO A 399 1.29 -5.21 -14.05
N LEU A 400 0.33 -5.65 -13.24
CA LEU A 400 0.34 -5.38 -11.78
C LEU A 400 0.81 -6.60 -10.97
N SER A 401 0.94 -7.78 -11.59
CA SER A 401 1.37 -9.00 -10.86
C SER A 401 2.83 -8.86 -10.37
N ASN A 402 3.03 -9.25 -9.10
CA ASN A 402 4.28 -9.07 -8.30
C ASN A 402 4.88 -10.46 -8.06
N PRO A 403 6.23 -10.58 -8.03
CA PRO A 403 7.14 -9.49 -8.36
C PRO A 403 7.36 -9.47 -9.88
N THR A 404 8.28 -8.61 -10.33
CA THR A 404 8.50 -8.26 -11.75
C THR A 404 8.55 -9.53 -12.63
N SER A 405 8.96 -10.69 -12.09
CA SER A 405 9.03 -11.97 -12.84
C SER A 405 7.62 -12.57 -13.09
N LYS A 406 6.65 -12.28 -12.23
CA LYS A 406 5.24 -12.70 -12.42
C LYS A 406 4.51 -11.71 -13.35
N ALA A 407 5.10 -10.54 -13.66
CA ALA A 407 4.44 -9.40 -14.38
C ALA A 407 3.95 -9.86 -15.75
N GLU A 408 2.85 -9.30 -16.26
CA GLU A 408 2.25 -9.79 -17.54
C GLU A 408 3.07 -9.32 -18.75
N VAL A 409 3.85 -8.26 -18.59
CA VAL A 409 4.69 -7.68 -19.67
C VAL A 409 5.62 -6.66 -19.02
N THR A 410 6.80 -6.41 -19.59
CA THR A 410 7.67 -5.31 -19.08
C THR A 410 7.15 -4.01 -19.66
N PRO A 411 7.18 -2.88 -18.93
CA PRO A 411 6.85 -1.60 -19.55
C PRO A 411 7.68 -1.38 -20.82
N GLU A 412 8.95 -1.76 -20.82
CA GLU A 412 9.83 -1.58 -22.00
C GLU A 412 9.21 -2.25 -23.24
N ASN A 413 8.79 -3.52 -23.15
CA ASN A 413 8.13 -4.22 -24.29
C ASN A 413 6.80 -3.53 -24.62
N ALA A 414 6.02 -3.13 -23.62
CA ALA A 414 4.71 -2.47 -23.88
C ALA A 414 4.94 -1.24 -24.77
N TYR A 415 5.98 -0.45 -24.46
CA TYR A 415 6.28 0.81 -25.20
C TYR A 415 6.85 0.44 -26.59
N LYS A 416 7.85 -0.44 -26.61
CA LYS A 416 8.52 -0.87 -27.87
C LYS A 416 7.43 -1.38 -28.83
N TRP A 417 6.67 -2.39 -28.40
CA TRP A 417 5.67 -3.06 -29.27
C TRP A 417 4.59 -2.07 -29.75
N THR A 418 4.31 -0.97 -29.03
CA THR A 418 3.29 0.04 -29.43
C THR A 418 3.94 1.32 -29.94
N ASN A 419 5.26 1.35 -30.11
CA ASN A 419 5.96 2.57 -30.57
C ASN A 419 5.64 3.76 -29.65
N GLY A 420 5.52 3.50 -28.35
CA GLY A 420 5.28 4.58 -27.36
C GLY A 420 3.83 4.94 -27.13
N ALA A 421 2.88 4.23 -27.73
CA ALA A 421 1.44 4.54 -27.61
C ALA A 421 0.84 3.97 -26.32
N ALA A 422 1.41 2.90 -25.74
CA ALA A 422 0.85 2.25 -24.54
C ALA A 422 0.86 3.21 -23.34
N ILE A 423 -0.22 3.19 -22.55
CA ILE A 423 -0.31 3.89 -21.23
C ILE A 423 -0.15 2.81 -20.14
N VAL A 424 0.96 2.88 -19.39
CA VAL A 424 1.42 1.76 -18.54
C VAL A 424 1.44 2.21 -17.07
N ALA A 425 0.83 1.42 -16.20
CA ALA A 425 1.05 1.48 -14.75
C ALA A 425 1.60 0.12 -14.31
N SER A 426 2.51 0.15 -13.34
CA SER A 426 3.28 -1.01 -12.84
C SER A 426 3.05 -1.13 -11.34
N GLY A 427 3.20 -2.33 -10.79
CA GLY A 427 3.32 -2.54 -9.33
C GLY A 427 4.64 -1.97 -8.81
N SER A 428 5.70 -2.13 -9.60
CA SER A 428 7.14 -1.86 -9.28
C SER A 428 7.68 -0.67 -10.07
N PRO A 429 8.74 -0.01 -9.57
CA PRO A 429 9.36 1.09 -10.32
C PRO A 429 10.11 0.51 -11.52
N PHE A 430 10.10 1.18 -12.66
CA PHE A 430 10.97 0.82 -13.81
C PHE A 430 11.71 2.07 -14.25
N PRO A 431 12.90 1.89 -14.87
CA PRO A 431 13.61 3.03 -15.43
C PRO A 431 12.82 3.52 -16.65
N PRO A 432 13.02 4.79 -17.08
CA PRO A 432 12.35 5.26 -18.29
C PRO A 432 12.81 4.43 -19.51
N THR A 433 12.01 4.42 -20.58
CA THR A 433 12.30 3.85 -21.94
C THR A 433 12.27 4.97 -22.99
N THR A 434 13.29 5.01 -23.85
CA THR A 434 13.45 6.01 -24.91
C THR A 434 13.23 5.29 -26.22
N ILE A 435 12.27 5.74 -27.01
CA ILE A 435 11.96 5.21 -28.37
C ILE A 435 12.00 6.38 -29.34
N GLY A 436 12.97 6.36 -30.24
CA GLY A 436 13.09 7.38 -31.30
C GLY A 436 13.27 8.77 -30.72
N GLY A 437 14.07 8.88 -29.65
CA GLY A 437 14.34 10.18 -28.99
C GLY A 437 13.27 10.62 -28.00
N LYS A 438 12.13 9.91 -27.89
CA LYS A 438 11.02 10.27 -26.97
C LYS A 438 11.07 9.37 -25.73
N THR A 439 10.89 9.93 -24.54
CA THR A 439 11.10 9.15 -23.30
C THR A 439 9.72 8.81 -22.70
N PHE A 440 9.57 7.58 -22.24
CA PHE A 440 8.33 7.07 -21.60
C PHE A 440 8.75 6.39 -20.31
N LYS A 441 7.98 6.59 -19.25
CA LYS A 441 8.24 5.93 -17.95
C LYS A 441 6.88 5.49 -17.39
N PRO A 442 6.70 4.25 -16.92
CA PRO A 442 5.40 3.80 -16.42
C PRO A 442 5.05 4.50 -15.11
N SER A 443 3.77 4.63 -14.80
CA SER A 443 3.27 5.19 -13.51
C SER A 443 3.22 4.05 -12.48
N GLN A 444 3.87 4.20 -11.36
CA GLN A 444 3.87 3.13 -10.32
C GLN A 444 2.68 3.42 -9.42
N GLY A 445 1.71 2.51 -9.37
CA GLY A 445 0.58 2.60 -8.42
C GLY A 445 0.98 2.08 -7.05
N ASN A 446 1.85 2.82 -6.35
CA ASN A 446 2.31 2.42 -5.01
C ASN A 446 1.18 2.65 -4.01
N ASN A 447 1.02 1.70 -3.09
CA ASN A 447 0.03 1.79 -1.98
C ASN A 447 0.29 3.01 -1.10
N LEU A 448 1.52 3.53 -1.08
CA LEU A 448 1.92 4.73 -0.30
C LEU A 448 1.01 5.90 -0.66
N TYR A 449 0.48 5.96 -1.89
CA TYR A 449 -0.40 7.10 -2.27
C TYR A 449 -1.63 7.21 -1.32
N VAL A 450 -2.11 6.14 -0.72
CA VAL A 450 -3.48 6.14 -0.08
C VAL A 450 -3.42 5.83 1.41
N PHE A 451 -2.79 4.74 1.87
CA PHE A 451 -2.91 4.37 3.31
C PHE A 451 -2.47 5.51 4.23
N PRO A 452 -1.36 6.26 3.96
CA PRO A 452 -0.93 7.29 4.93
C PRO A 452 -2.01 8.36 5.19
N GLY A 453 -2.58 8.90 4.12
CA GLY A 453 -3.67 9.88 4.17
C GLY A 453 -4.94 9.29 4.75
N VAL A 454 -5.23 8.02 4.53
CA VAL A 454 -6.39 7.41 5.25
C VAL A 454 -6.09 7.40 6.75
N GLY A 455 -4.84 7.09 7.11
CA GLY A 455 -4.40 7.07 8.51
C GLY A 455 -4.43 8.45 9.13
N LEU A 456 -3.92 9.45 8.46
CA LEU A 456 -3.95 10.85 8.94
C LEU A 456 -5.40 11.34 9.01
N GLY A 457 -6.23 11.04 8.01
CA GLY A 457 -7.65 11.49 8.06
C GLY A 457 -8.41 10.88 9.24
N CYS A 458 -8.21 9.59 9.47
CA CYS A 458 -8.94 8.81 10.50
C CYS A 458 -8.32 9.21 11.85
N ALA A 459 -7.02 9.52 11.96
CA ALA A 459 -6.40 10.03 13.21
C ALA A 459 -6.99 11.40 13.59
N LEU A 460 -7.17 12.33 12.64
CA LEU A 460 -7.78 13.64 12.95
C LEU A 460 -9.30 13.53 13.18
N ALA A 461 -10.05 12.88 12.30
CA ALA A 461 -11.54 12.88 12.31
C ALA A 461 -12.07 11.96 13.42
N GLN A 462 -11.31 10.93 13.80
CA GLN A 462 -11.72 9.96 14.83
C GLN A 462 -13.09 9.43 14.44
N PRO A 463 -13.26 8.88 13.22
CA PRO A 463 -14.53 8.33 12.81
C PRO A 463 -14.85 7.05 13.58
N THR A 464 -16.14 6.70 13.65
CA THR A 464 -16.58 5.53 14.44
C THR A 464 -16.12 4.27 13.73
N HIS A 465 -15.98 4.32 12.41
CA HIS A 465 -15.52 3.18 11.58
C HIS A 465 -15.07 3.75 10.24
N ILE A 466 -14.55 2.90 9.37
CA ILE A 466 -14.05 3.32 8.06
C ILE A 466 -14.90 2.62 7.00
N PRO A 467 -16.07 3.21 6.61
CA PRO A 467 -16.90 2.62 5.58
C PRO A 467 -16.24 2.84 4.22
N GLU A 468 -16.66 2.06 3.23
CA GLU A 468 -16.15 2.03 1.84
C GLU A 468 -16.18 3.47 1.26
N GLU A 469 -17.13 4.29 1.68
CA GLU A 469 -17.21 5.72 1.24
C GLU A 469 -15.86 6.40 1.49
N LEU A 470 -15.19 6.19 2.64
CA LEU A 470 -13.91 6.92 2.90
C LEU A 470 -12.81 6.45 1.93
N LEU A 471 -12.76 5.15 1.61
CA LEU A 471 -11.74 4.61 0.65
C LEU A 471 -12.02 5.20 -0.74
N LEU A 472 -13.28 5.23 -1.17
CA LEU A 472 -13.65 5.78 -2.51
C LEU A 472 -13.27 7.26 -2.60
N THR A 473 -13.58 8.02 -1.56
CA THR A 473 -13.19 9.44 -1.46
C THR A 473 -11.68 9.55 -1.62
N ALA A 474 -10.90 8.67 -0.98
CA ALA A 474 -9.43 8.74 -0.99
C ALA A 474 -8.98 8.39 -2.43
N SER A 475 -9.65 7.44 -3.06
CA SER A 475 -9.38 7.06 -4.47
C SER A 475 -9.59 8.29 -5.39
N GLU A 476 -10.75 8.94 -5.26
CA GLU A 476 -11.10 10.12 -6.10
C GLU A 476 -10.10 11.27 -5.81
N SER A 477 -9.83 11.55 -4.54
CA SER A 477 -8.90 12.61 -4.10
C SER A 477 -7.57 12.41 -4.84
N LEU A 478 -7.06 11.18 -4.84
CA LEU A 478 -5.75 10.86 -5.48
C LEU A 478 -5.83 11.09 -6.99
N ASN A 479 -6.87 10.57 -7.63
CA ASN A 479 -7.13 10.83 -9.07
C ASN A 479 -7.05 12.33 -9.35
N LEU A 480 -7.75 13.15 -8.56
CA LEU A 480 -7.90 14.60 -8.83
C LEU A 480 -6.59 15.35 -8.58
N LEU A 481 -5.61 14.77 -7.88
CA LEU A 481 -4.32 15.43 -7.57
C LEU A 481 -3.39 15.33 -8.76
N THR A 482 -3.68 14.46 -9.74
CA THR A 482 -2.87 14.43 -10.96
C THR A 482 -3.25 15.69 -11.79
N THR A 483 -2.32 16.62 -11.91
CA THR A 483 -2.52 17.96 -12.51
C THR A 483 -2.53 17.83 -14.03
N GLU A 484 -3.11 18.84 -14.68
CA GLU A 484 -3.02 19.01 -16.16
C GLU A 484 -1.57 18.78 -16.59
N GLY A 485 -0.62 19.42 -15.91
CA GLY A 485 0.81 19.30 -16.22
C GLY A 485 1.31 17.86 -16.09
N ASP A 486 1.02 17.19 -14.96
CA ASP A 486 1.37 15.74 -14.79
C ASP A 486 0.75 14.95 -15.99
N LEU A 487 -0.54 15.15 -16.27
CA LEU A 487 -1.25 14.40 -17.33
C LEU A 487 -0.63 14.66 -18.71
N ARG A 488 -0.18 15.90 -18.97
CA ARG A 488 0.48 16.29 -20.24
C ARG A 488 1.72 15.41 -20.41
N GLU A 489 2.50 15.18 -19.34
CA GLU A 489 3.75 14.36 -19.35
C GLU A 489 3.44 12.84 -19.26
N GLY A 490 2.16 12.41 -19.33
CA GLY A 490 1.75 11.01 -19.27
C GLY A 490 1.73 10.39 -17.88
N ARG A 491 1.78 11.19 -16.79
CA ARG A 491 1.77 10.66 -15.39
C ARG A 491 0.32 10.36 -15.02
N LEU A 492 0.09 9.24 -14.37
CA LEU A 492 -1.28 8.84 -13.94
C LEU A 492 -1.51 9.23 -12.47
N TYR A 493 -0.45 9.58 -11.75
CA TYR A 493 -0.48 9.93 -10.30
C TYR A 493 0.36 11.17 -10.10
N PRO A 494 0.07 11.95 -9.05
CA PRO A 494 0.96 13.04 -8.68
C PRO A 494 2.28 12.36 -8.33
N PRO A 495 3.39 13.11 -8.30
CA PRO A 495 4.68 12.50 -8.03
C PRO A 495 4.80 11.96 -6.60
N LEU A 496 5.41 10.80 -6.45
CA LEU A 496 5.61 10.15 -5.13
C LEU A 496 6.38 11.06 -4.17
N GLU A 497 7.35 11.82 -4.68
CA GLU A 497 8.21 12.63 -3.79
C GLU A 497 7.34 13.70 -3.11
N ASP A 498 6.14 13.99 -3.64
CA ASP A 498 5.20 15.00 -3.07
C ASP A 498 4.26 14.35 -2.05
N ILE A 499 4.67 13.24 -1.44
CA ILE A 499 3.76 12.39 -0.65
C ILE A 499 3.15 13.20 0.51
N HIS A 500 3.84 14.15 1.14
CA HIS A 500 3.23 14.90 2.27
C HIS A 500 1.99 15.70 1.81
N ASN A 501 2.12 16.45 0.72
CA ASN A 501 1.00 17.21 0.15
C ASN A 501 -0.09 16.23 -0.32
N ILE A 502 0.28 15.12 -0.97
CA ILE A 502 -0.71 14.07 -1.36
C ILE A 502 -1.48 13.63 -0.11
N SER A 503 -0.78 13.17 0.94
CA SER A 503 -1.41 12.67 2.18
C SER A 503 -2.33 13.74 2.79
N ALA A 504 -1.88 15.00 2.85
CA ALA A 504 -2.68 16.08 3.49
C ALA A 504 -4.00 16.24 2.71
N ASN A 505 -3.95 16.09 1.38
CA ASN A 505 -5.14 16.29 0.51
C ASN A 505 -6.07 15.07 0.64
N VAL A 506 -5.54 13.86 0.58
CA VAL A 506 -6.32 12.62 0.84
C VAL A 506 -6.96 12.71 2.22
N ALA A 507 -6.19 13.07 3.24
CA ALA A 507 -6.70 13.16 4.63
C ALA A 507 -7.87 14.15 4.69
N THR A 508 -7.71 15.31 4.07
CA THR A 508 -8.73 16.40 4.09
C THR A 508 -10.04 15.84 3.50
N ASP A 509 -9.96 15.22 2.33
CA ASP A 509 -11.14 14.68 1.62
C ASP A 509 -11.79 13.56 2.45
N VAL A 510 -10.99 12.72 3.13
CA VAL A 510 -11.51 11.63 3.98
C VAL A 510 -12.28 12.25 5.15
N ILE A 511 -11.71 13.27 5.75
CA ILE A 511 -12.32 14.00 6.90
C ILE A 511 -13.65 14.60 6.46
N LEU A 512 -13.67 15.28 5.32
CA LEU A 512 -14.92 15.92 4.84
C LEU A 512 -15.97 14.84 4.66
N GLU A 513 -15.59 13.66 4.16
CA GLU A 513 -16.55 12.57 3.91
C GLU A 513 -17.07 12.07 5.25
N ALA A 514 -16.20 11.89 6.25
CA ALA A 514 -16.62 11.44 7.59
C ALA A 514 -17.57 12.49 8.17
N GLN A 515 -17.27 13.79 7.96
CA GLN A 515 -18.11 14.90 8.48
C GLN A 515 -19.51 14.83 7.83
N ARG A 516 -19.57 14.62 6.51
CA ARG A 516 -20.86 14.50 5.79
C ARG A 516 -21.69 13.32 6.34
N MET A 517 -21.04 12.21 6.72
CA MET A 517 -21.71 10.94 7.14
C MET A 517 -21.96 11.03 8.65
N LYS A 518 -21.45 12.08 9.33
CA LYS A 518 -21.62 12.34 10.77
C LYS A 518 -21.12 11.13 11.58
N ILE A 519 -20.03 10.53 11.17
CA ILE A 519 -19.34 9.47 11.95
C ILE A 519 -18.09 10.04 12.63
N ASP A 520 -17.80 11.31 12.39
CA ASP A 520 -16.58 11.97 12.92
C ASP A 520 -16.78 12.29 14.40
N ASN A 521 -15.81 11.97 15.23
CA ASN A 521 -15.96 12.21 16.68
C ASN A 521 -15.16 13.47 17.07
N ASN A 522 -14.22 13.93 16.25
CA ASN A 522 -13.42 15.15 16.56
C ASN A 522 -14.12 16.40 16.02
N LYS A 523 -14.79 17.16 16.90
CA LYS A 523 -15.55 18.40 16.58
C LYS A 523 -14.65 19.63 16.51
N LYS A 524 -13.35 19.50 16.72
CA LYS A 524 -12.45 20.69 16.70
C LYS A 524 -12.07 21.10 15.26
N LEU A 525 -12.30 20.24 14.27
CA LEU A 525 -11.77 20.38 12.89
C LEU A 525 -12.58 21.40 12.08
N PRO A 526 -11.95 22.15 11.17
CA PRO A 526 -12.70 22.97 10.21
C PRO A 526 -13.52 22.07 9.28
N ARG A 527 -14.56 22.60 8.66
CA ARG A 527 -15.60 21.83 7.94
C ARG A 527 -15.63 22.25 6.47
N THR A 528 -14.70 23.13 6.07
CA THR A 528 -14.55 23.63 4.68
C THR A 528 -13.14 23.32 4.22
N ARG A 529 -13.02 23.00 2.93
CA ARG A 529 -11.83 22.26 2.40
C ARG A 529 -10.56 23.09 2.56
N ASP A 530 -10.55 24.36 2.16
CA ASP A 530 -9.31 25.19 2.21
C ASP A 530 -8.79 25.27 3.63
N GLU A 531 -9.67 25.56 4.59
CA GLU A 531 -9.26 25.79 6.00
C GLU A 531 -8.81 24.45 6.60
N LEU A 532 -9.51 23.37 6.27
CA LEU A 532 -9.17 22.00 6.76
C LEU A 532 -7.80 21.59 6.24
N LEU A 533 -7.56 21.78 4.95
CA LEU A 533 -6.26 21.38 4.35
C LEU A 533 -5.12 22.11 5.07
N ALA A 534 -5.26 23.39 5.38
CA ALA A 534 -4.20 24.15 6.09
C ALA A 534 -4.00 23.53 7.48
N PHE A 535 -5.09 23.16 8.17
CA PHE A 535 -5.10 22.61 9.53
C PHE A 535 -4.45 21.21 9.55
N VAL A 536 -4.79 20.37 8.58
CA VAL A 536 -4.18 19.02 8.36
C VAL A 536 -2.65 19.17 8.13
N LYS A 537 -2.24 20.11 7.32
CA LYS A 537 -0.80 20.31 7.04
C LYS A 537 -0.07 20.68 8.31
N LYS A 538 -0.63 21.60 9.10
CA LYS A 538 -0.05 22.07 10.38
C LYS A 538 0.10 20.89 11.35
N ALA A 539 -0.85 19.95 11.37
CA ALA A 539 -0.89 18.82 12.33
C ALA A 539 0.14 17.72 12.02
N MET A 540 0.62 17.64 10.79
CA MET A 540 1.60 16.59 10.37
C MET A 540 2.96 16.79 11.07
N TRP A 541 3.53 15.71 11.57
CA TRP A 541 4.92 15.66 12.06
C TRP A 541 5.86 15.80 10.86
N LYS A 542 6.89 16.61 10.99
CA LYS A 542 7.84 16.85 9.89
C LYS A 542 9.24 16.43 10.32
N PRO A 543 10.02 15.79 9.45
CA PRO A 543 11.37 15.36 9.82
C PRO A 543 12.35 16.54 9.67
N VAL A 544 12.18 17.51 10.56
CA VAL A 544 13.10 18.66 10.66
C VAL A 544 13.33 18.87 12.16
N TYR A 545 14.47 19.43 12.53
CA TYR A 545 14.85 19.64 13.95
C TYR A 545 13.98 20.77 14.50
N SER A 546 13.30 20.60 15.60
CA SER A 546 12.35 21.65 16.05
C SER A 546 12.57 22.00 17.54
N GLY A 547 12.71 21.00 18.42
CA GLY A 547 12.86 21.18 19.89
C GLY A 547 11.52 21.45 20.56
#